data_6HHY
#
_entry.id   6HHY
#
_cell.length_a   83.721
_cell.length_b   83.721
_cell.length_c   228.419
_cell.angle_alpha   90.000
_cell.angle_beta   90.000
_cell.angle_gamma   90.000
#
_symmetry.space_group_name_H-M   'P 43 21 2'
#
loop_
_entity.id
_entity.type
_entity.pdbx_description
1 polymer 'Serine--tRNA ligase'
2 non-polymer 1,2-ETHANEDIOL
3 non-polymer "5'-O-(N-(L-seryl)-sulfamoyl)N3-methyluridine"
4 non-polymer 'CALCIUM ION'
5 water water
#
_entity_poly.entity_id   1
_entity_poly.type   'polypeptide(L)'
_entity_poly.pdbx_seq_one_letter_code
;MLDPNLLRTEPDAVAEKLARRGFKLDVDKLRALEERRKVLQVQTENLQAERNSRSKSIGQAKARGEDIEPLRLEVNKLGE
QLDAAKSELETLLAEIRDIALAIPNIPHDDVPVGRDENDNVEVSRWGTPRQFDFEVRDHVTLGEMHGGLDFAAAVKLTGS
RFVVMKGQLARLHRALAQFMLDLHTEQHGYSENYVPYLVNQDTLYGTGQLPKFAGDLFHTRPLEEEADSSNYALIPTAEV
PLTNLVRDEIIDEDDLPIKMTAHTPCFRSEAGSYGRDTRGLIRMHQFDKVEMVQIVRPEDSMAALEEMTGHAEKVLQLLG
LPYRKVALCTGDMGFSACKTYDLEVWVPAQNTYREISSCSNVWDFQARRMQARCRSKSDKKTRLVHTLNGSGLAVGRTLV
ALMENYQQADGRIEIPEVLRPYMRGLEYIG
;
_entity_poly.pdbx_strand_id   A
#
loop_
_chem_comp.id
_chem_comp.type
_chem_comp.name
_chem_comp.formula
CA non-polymer 'CALCIUM ION' 'Ca 2'
EDO non-polymer 1,2-ETHANEDIOL 'C2 H6 O2'
FZT non-polymer 5'-O-(N-(L-seryl)-sulfamoyl)N3-methyluridine 'C13 H20 N4 O10 S'
#
# COMPACT_ATOMS: atom_id res chain seq x y z
N MET A 1 -0.05 -12.04 2.86
CA MET A 1 -0.21 -13.43 3.23
C MET A 1 1.12 -14.08 3.61
N LEU A 2 1.13 -14.78 4.75
CA LEU A 2 2.32 -15.51 5.23
C LEU A 2 2.39 -16.87 4.54
N ASP A 3 3.58 -17.45 4.47
CA ASP A 3 3.78 -18.78 3.86
C ASP A 3 2.90 -19.82 4.61
N PRO A 4 1.95 -20.51 3.94
CA PRO A 4 1.09 -21.50 4.65
C PRO A 4 1.85 -22.62 5.35
N ASN A 5 2.99 -23.04 4.74
CA ASN A 5 3.88 -24.07 5.24
C ASN A 5 4.61 -23.60 6.50
N LEU A 6 4.87 -22.28 6.60
CA LEU A 6 5.54 -21.68 7.75
C LEU A 6 4.58 -21.67 8.96
N LEU A 7 3.26 -21.52 8.70
CA LEU A 7 2.21 -21.57 9.72
C LEU A 7 2.00 -23.03 10.19
N ARG A 8 2.11 -23.99 9.25
CA ARG A 8 1.95 -25.41 9.54
C ARG A 8 3.13 -26.02 10.31
N THR A 9 4.38 -25.64 9.96
CA THR A 9 5.59 -26.23 10.56
C THR A 9 6.19 -25.44 11.75
N GLU A 10 6.00 -24.10 11.84
CA GLU A 10 6.53 -23.30 12.96
C GLU A 10 5.44 -22.33 13.51
N PRO A 11 4.22 -22.77 13.92
CA PRO A 11 3.18 -21.82 14.35
C PRO A 11 3.48 -20.99 15.60
N ASP A 12 4.16 -21.60 16.59
CA ASP A 12 4.51 -20.91 17.83
C ASP A 12 5.63 -19.89 17.65
N ALA A 13 6.55 -20.14 16.69
CA ALA A 13 7.65 -19.23 16.35
C ALA A 13 7.10 -18.02 15.56
N VAL A 14 6.11 -18.26 14.65
CA VAL A 14 5.40 -17.26 13.85
C VAL A 14 4.63 -16.35 14.82
N ALA A 15 3.87 -16.95 15.76
CA ALA A 15 3.09 -16.28 16.80
C ALA A 15 3.97 -15.37 17.66
N GLU A 16 5.19 -15.82 18.00
CA GLU A 16 6.17 -15.09 18.83
C GLU A 16 6.66 -13.82 18.11
N LYS A 17 7.00 -13.93 16.81
CA LYS A 17 7.43 -12.78 15.99
C LYS A 17 6.29 -11.77 15.81
N LEU A 18 5.04 -12.27 15.62
CA LEU A 18 3.85 -11.43 15.48
C LEU A 18 3.48 -10.73 16.79
N ALA A 19 3.76 -11.37 17.96
CA ALA A 19 3.53 -10.83 19.31
C ALA A 19 4.23 -9.45 19.51
N ARG A 20 5.40 -9.27 18.84
CA ARG A 20 6.18 -8.02 18.85
C ARG A 20 5.41 -6.84 18.22
N ARG A 21 4.52 -7.12 17.25
CA ARG A 21 3.66 -6.12 16.59
C ARG A 21 2.43 -5.80 17.45
N GLY A 22 2.21 -6.63 18.48
CA GLY A 22 1.04 -6.54 19.34
C GLY A 22 -0.09 -7.39 18.79
N PHE A 23 0.20 -8.24 17.78
CA PHE A 23 -0.78 -9.13 17.14
C PHE A 23 -0.77 -10.52 17.81
N LYS A 24 -1.96 -11.00 18.23
CA LYS A 24 -2.13 -12.29 18.87
C LYS A 24 -2.77 -13.25 17.88
N LEU A 25 -1.97 -14.22 17.39
CA LEU A 25 -2.46 -15.21 16.45
C LEU A 25 -3.17 -16.32 17.22
N ASP A 26 -4.42 -16.64 16.82
CA ASP A 26 -5.18 -17.69 17.48
C ASP A 26 -4.78 -19.05 16.87
N VAL A 27 -3.67 -19.60 17.37
CA VAL A 27 -3.11 -20.87 16.92
C VAL A 27 -4.11 -22.04 17.09
N ASP A 28 -4.80 -22.11 18.24
CA ASP A 28 -5.77 -23.15 18.57
C ASP A 28 -6.97 -23.21 17.63
N LYS A 29 -7.65 -22.06 17.40
CA LYS A 29 -8.79 -21.97 16.49
C LYS A 29 -8.36 -22.32 15.06
N LEU A 30 -7.20 -21.82 14.62
CA LEU A 30 -6.64 -22.05 13.30
C LEU A 30 -6.33 -23.56 13.08
N ARG A 31 -5.79 -24.22 14.13
CA ARG A 31 -5.47 -25.65 14.16
C ARG A 31 -6.75 -26.50 14.13
N ALA A 32 -7.78 -26.13 14.92
CA ALA A 32 -9.06 -26.84 15.00
C ALA A 32 -9.82 -26.80 13.66
N LEU A 33 -9.77 -25.64 12.96
CA LEU A 33 -10.40 -25.48 11.63
C LEU A 33 -9.66 -26.29 10.55
N GLU A 34 -8.32 -26.31 10.60
CA GLU A 34 -7.44 -27.01 9.68
C GLU A 34 -7.56 -28.53 9.84
N GLU A 35 -7.75 -29.03 11.08
CA GLU A 35 -7.94 -30.46 11.34
C GLU A 35 -9.27 -30.92 10.78
N ARG A 36 -10.32 -30.07 10.92
CA ARG A 36 -11.65 -30.34 10.37
C ARG A 36 -11.63 -30.26 8.84
N ARG A 37 -10.91 -29.27 8.27
CA ARG A 37 -10.75 -29.11 6.83
C ARG A 37 -10.19 -30.40 6.17
N LYS A 38 -9.20 -31.05 6.80
CA LYS A 38 -8.55 -32.27 6.29
C LYS A 38 -9.54 -33.45 6.24
N VAL A 39 -10.41 -33.55 7.25
CA VAL A 39 -11.48 -34.56 7.30
C VAL A 39 -12.47 -34.33 6.12
N LEU A 40 -12.91 -33.09 5.90
CA LEU A 40 -13.85 -32.74 4.84
C LEU A 40 -13.23 -32.86 3.44
N GLN A 41 -11.93 -32.57 3.31
CA GLN A 41 -11.14 -32.68 2.09
C GLN A 41 -11.11 -34.15 1.59
N VAL A 42 -10.89 -35.11 2.52
CA VAL A 42 -10.87 -36.55 2.25
C VAL A 42 -12.28 -37.01 1.82
N GLN A 43 -13.33 -36.64 2.59
CA GLN A 43 -14.73 -36.98 2.31
C GLN A 43 -15.15 -36.51 0.90
N THR A 44 -14.83 -35.26 0.56
CA THR A 44 -15.13 -34.59 -0.72
C THR A 44 -14.37 -35.23 -1.89
N GLU A 45 -13.03 -35.37 -1.79
CA GLU A 45 -12.21 -35.98 -2.84
C GLU A 45 -12.56 -37.46 -3.08
N ASN A 46 -13.14 -38.14 -2.06
CA ASN A 46 -13.64 -39.51 -2.22
C ASN A 46 -14.93 -39.49 -3.03
N LEU A 47 -15.82 -38.50 -2.74
CA LEU A 47 -17.09 -38.29 -3.46
C LEU A 47 -16.83 -37.92 -4.92
N GLN A 48 -15.80 -37.06 -5.18
CA GLN A 48 -15.34 -36.64 -6.51
C GLN A 48 -14.94 -37.89 -7.29
N ALA A 49 -14.11 -38.77 -6.68
CA ALA A 49 -13.64 -40.01 -7.28
C ALA A 49 -14.78 -40.97 -7.61
N GLU A 50 -15.73 -41.19 -6.68
CA GLU A 50 -16.85 -42.10 -6.95
C GLU A 50 -17.81 -41.59 -8.02
N ARG A 51 -18.03 -40.24 -8.09
CA ARG A 51 -18.88 -39.64 -9.11
C ARG A 51 -18.23 -39.78 -10.49
N ASN A 52 -16.91 -39.47 -10.61
CA ASN A 52 -16.14 -39.59 -11.86
C ASN A 52 -16.15 -41.05 -12.37
N SER A 53 -16.08 -42.03 -11.45
CA SER A 53 -16.10 -43.46 -11.75
C SER A 53 -17.48 -43.91 -12.27
N ARG A 54 -18.58 -43.55 -11.56
CA ARG A 54 -19.95 -43.95 -11.95
C ARG A 54 -20.42 -43.23 -13.23
N SER A 55 -19.83 -42.06 -13.52
CA SER A 55 -20.06 -41.30 -14.75
C SER A 55 -19.46 -42.10 -15.92
N LYS A 56 -18.25 -42.67 -15.71
CA LYS A 56 -17.53 -43.50 -16.69
C LYS A 56 -18.22 -44.83 -16.93
N SER A 57 -18.93 -45.36 -15.92
CA SER A 57 -19.69 -46.61 -16.00
C SER A 57 -20.93 -46.42 -16.88
N ILE A 58 -21.47 -45.19 -16.94
CA ILE A 58 -22.62 -44.82 -17.78
C ILE A 58 -22.20 -44.73 -19.25
N GLY A 59 -21.05 -44.09 -19.51
CA GLY A 59 -20.46 -43.92 -20.84
C GLY A 59 -20.17 -45.23 -21.56
N GLN A 60 -19.79 -46.28 -20.81
CA GLN A 60 -19.51 -47.61 -21.35
C GLN A 60 -20.76 -48.50 -21.42
N ALA A 61 -21.83 -48.12 -20.67
CA ALA A 61 -23.11 -48.83 -20.65
C ALA A 61 -24.04 -48.32 -21.76
N LYS A 62 -23.99 -46.99 -22.06
CA LYS A 62 -24.79 -46.31 -23.10
C LYS A 62 -24.26 -46.60 -24.52
N ALA A 63 -23.17 -47.40 -24.61
CA ALA A 63 -22.54 -47.83 -25.85
C ALA A 63 -22.66 -49.36 -26.04
N ARG A 64 -22.81 -50.13 -24.92
CA ARG A 64 -22.94 -51.58 -24.94
C ARG A 64 -24.40 -52.05 -25.03
N ILE A 68 -30.27 -47.97 -18.89
CA ILE A 68 -29.20 -47.24 -18.19
C ILE A 68 -29.76 -46.28 -17.10
N GLU A 69 -31.07 -46.40 -16.79
CA GLU A 69 -31.73 -45.56 -15.78
C GLU A 69 -31.30 -45.88 -14.32
N PRO A 70 -31.05 -47.16 -13.88
CA PRO A 70 -30.62 -47.39 -12.48
C PRO A 70 -29.29 -46.72 -12.12
N LEU A 71 -28.37 -46.61 -13.10
CA LEU A 71 -27.06 -45.96 -12.95
C LEU A 71 -27.19 -44.44 -13.11
N ARG A 72 -28.19 -43.96 -13.89
CA ARG A 72 -28.46 -42.54 -14.14
C ARG A 72 -28.93 -41.82 -12.87
N LEU A 73 -29.79 -42.49 -12.08
CA LEU A 73 -30.33 -42.00 -10.82
C LEU A 73 -29.22 -41.90 -9.76
N GLU A 74 -28.30 -42.90 -9.74
CA GLU A 74 -27.15 -43.00 -8.83
C GLU A 74 -26.16 -41.83 -8.99
N VAL A 75 -25.89 -41.41 -10.25
CA VAL A 75 -24.95 -40.33 -10.59
C VAL A 75 -25.54 -38.94 -10.18
N ASN A 76 -26.87 -38.78 -10.30
CA ASN A 76 -27.56 -37.54 -9.91
C ASN A 76 -27.68 -37.41 -8.39
N LYS A 77 -27.81 -38.55 -7.68
CA LYS A 77 -27.86 -38.61 -6.22
C LYS A 77 -26.47 -38.25 -5.65
N LEU A 78 -25.39 -38.81 -6.26
CA LEU A 78 -23.99 -38.56 -5.93
C LEU A 78 -23.61 -37.11 -6.20
N GLY A 79 -24.16 -36.55 -7.29
CA GLY A 79 -23.96 -35.17 -7.72
C GLY A 79 -24.51 -34.16 -6.73
N GLU A 80 -25.66 -34.50 -6.10
CA GLU A 80 -26.34 -33.70 -5.07
C GLU A 80 -25.44 -33.63 -3.84
N GLN A 81 -25.00 -34.81 -3.35
CA GLN A 81 -24.14 -35.04 -2.19
C GLN A 81 -22.78 -34.36 -2.30
N LEU A 82 -22.11 -34.46 -3.48
CA LEU A 82 -20.80 -33.85 -3.75
C LEU A 82 -20.92 -32.33 -3.76
N ASP A 83 -21.96 -31.79 -4.41
CA ASP A 83 -22.19 -30.34 -4.47
C ASP A 83 -22.38 -29.76 -3.07
N ALA A 84 -23.14 -30.47 -2.21
CA ALA A 84 -23.38 -30.13 -0.80
C ALA A 84 -22.07 -30.20 0.01
N ALA A 85 -21.26 -31.27 -0.19
CA ALA A 85 -19.97 -31.52 0.48
C ALA A 85 -18.95 -30.46 0.10
N LYS A 86 -18.91 -30.05 -1.20
CA LYS A 86 -18.02 -29.03 -1.74
C LYS A 86 -18.40 -27.65 -1.18
N SER A 87 -19.71 -27.40 -1.01
CA SER A 87 -20.24 -26.13 -0.50
C SER A 87 -19.85 -25.95 0.98
N GLU A 88 -19.96 -27.04 1.75
CA GLU A 88 -19.57 -27.11 3.16
C GLU A 88 -18.05 -26.86 3.30
N LEU A 89 -17.22 -27.60 2.52
CA LEU A 89 -15.76 -27.44 2.53
C LEU A 89 -15.32 -26.01 2.16
N GLU A 90 -15.94 -25.42 1.13
CA GLU A 90 -15.67 -24.06 0.65
C GLU A 90 -15.98 -22.98 1.72
N THR A 91 -17.03 -23.18 2.55
CA THR A 91 -17.39 -22.29 3.66
C THR A 91 -16.27 -22.34 4.73
N LEU A 92 -15.77 -23.55 5.01
CA LEU A 92 -14.68 -23.77 5.97
C LEU A 92 -13.37 -23.15 5.42
N LEU A 93 -13.08 -23.30 4.12
CA LEU A 93 -11.92 -22.70 3.46
C LEU A 93 -11.94 -21.17 3.55
N ALA A 94 -13.13 -20.56 3.33
CA ALA A 94 -13.34 -19.11 3.43
C ALA A 94 -13.04 -18.62 4.85
N GLU A 95 -13.49 -19.37 5.88
CA GLU A 95 -13.25 -19.09 7.29
C GLU A 95 -11.75 -19.12 7.67
N ILE A 96 -10.98 -20.12 7.15
CA ILE A 96 -9.54 -20.25 7.38
C ILE A 96 -8.84 -19.07 6.67
N ARG A 97 -9.30 -18.75 5.45
CA ARG A 97 -8.81 -17.64 4.59
C ARG A 97 -8.97 -16.29 5.27
N ASP A 98 -10.15 -16.02 5.92
CA ASP A 98 -10.46 -14.80 6.69
C ASP A 98 -9.45 -14.59 7.82
N ILE A 99 -8.93 -15.68 8.39
CA ILE A 99 -7.96 -15.58 9.48
C ILE A 99 -6.59 -15.27 8.87
N ALA A 100 -6.15 -16.14 7.92
CA ALA A 100 -4.84 -16.06 7.25
C ALA A 100 -4.60 -14.73 6.55
N LEU A 101 -5.64 -14.14 5.95
CA LEU A 101 -5.55 -12.88 5.22
C LEU A 101 -5.64 -11.65 6.14
N ALA A 102 -5.90 -11.86 7.45
CA ALA A 102 -5.95 -10.78 8.44
C ALA A 102 -4.66 -10.80 9.28
N ILE A 103 -3.71 -11.71 8.93
CA ILE A 103 -2.43 -11.78 9.62
C ILE A 103 -1.45 -10.73 9.04
N PRO A 104 -0.90 -9.80 9.86
CA PRO A 104 0.08 -8.84 9.30
C PRO A 104 1.42 -9.52 9.01
N ASN A 105 2.29 -8.81 8.29
CA ASN A 105 3.59 -9.34 7.91
C ASN A 105 4.52 -9.53 9.12
N ILE A 106 5.35 -10.59 9.09
CA ILE A 106 6.33 -10.88 10.13
C ILE A 106 7.41 -9.76 10.08
N PRO A 107 7.73 -9.09 11.22
CA PRO A 107 8.77 -8.05 11.17
C PRO A 107 10.15 -8.64 10.92
N HIS A 108 11.02 -7.90 10.23
CA HIS A 108 12.39 -8.31 9.98
C HIS A 108 13.16 -8.09 11.29
N ASP A 109 14.24 -8.88 11.53
CA ASP A 109 15.06 -8.81 12.74
C ASP A 109 15.76 -7.44 12.92
N ASP A 110 15.85 -6.63 11.85
CA ASP A 110 16.42 -5.28 11.84
C ASP A 110 15.54 -4.28 12.60
N VAL A 111 14.23 -4.60 12.69
CA VAL A 111 13.22 -3.74 13.29
C VAL A 111 13.28 -3.73 14.83
N PRO A 112 13.44 -2.52 15.45
CA PRO A 112 13.43 -2.46 16.92
C PRO A 112 12.06 -2.82 17.50
N VAL A 113 12.05 -3.51 18.65
CA VAL A 113 10.80 -3.88 19.32
C VAL A 113 10.23 -2.66 20.08
N GLY A 114 8.95 -2.40 19.86
CA GLY A 114 8.23 -1.30 20.49
C GLY A 114 6.73 -1.44 20.33
N ARG A 115 5.98 -0.69 21.14
CA ARG A 115 4.53 -0.71 21.20
C ARG A 115 3.85 0.30 20.29
N ASP A 116 4.44 1.50 20.16
CA ASP A 116 3.87 2.61 19.38
C ASP A 116 4.97 3.54 18.81
N GLU A 117 4.56 4.69 18.21
CA GLU A 117 5.44 5.69 17.60
C GLU A 117 6.47 6.31 18.55
N ASN A 118 6.23 6.26 19.88
CA ASN A 118 7.17 6.82 20.85
C ASN A 118 8.40 5.92 21.04
N ASP A 119 8.32 4.66 20.55
CA ASP A 119 9.39 3.67 20.63
C ASP A 119 10.21 3.57 19.31
N ASN A 120 9.91 4.46 18.33
CA ASN A 120 10.59 4.55 17.04
C ASN A 120 11.98 5.13 17.28
N VAL A 121 12.96 4.74 16.45
CA VAL A 121 14.37 5.15 16.59
C VAL A 121 14.86 6.08 15.46
N GLU A 122 15.38 7.26 15.81
CA GLU A 122 15.97 8.21 14.85
C GLU A 122 17.29 7.61 14.36
N VAL A 123 17.45 7.52 13.03
CA VAL A 123 18.61 6.95 12.34
C VAL A 123 19.59 8.08 11.95
N SER A 124 19.06 9.16 11.35
CA SER A 124 19.81 10.32 10.87
C SER A 124 18.94 11.59 10.89
N ARG A 125 19.58 12.73 10.67
CA ARG A 125 18.99 14.05 10.69
C ARG A 125 19.71 14.88 9.62
N TRP A 126 18.97 15.70 8.87
CA TRP A 126 19.56 16.53 7.82
C TRP A 126 18.98 17.92 7.87
N GLY A 127 19.86 18.91 7.75
CA GLY A 127 19.53 20.33 7.72
C GLY A 127 19.34 20.94 9.10
N THR A 128 19.31 22.28 9.15
CA THR A 128 19.10 23.00 10.40
C THR A 128 17.81 23.84 10.34
N PRO A 129 16.78 23.49 11.15
CA PRO A 129 15.54 24.29 11.18
C PRO A 129 15.83 25.78 11.34
N ARG A 130 15.22 26.56 10.45
CA ARG A 130 15.37 28.01 10.36
C ARG A 130 14.93 28.73 11.65
N GLN A 131 15.68 29.80 12.03
CA GLN A 131 15.33 30.67 13.13
C GLN A 131 14.70 31.92 12.51
N PHE A 132 13.45 32.20 12.88
CA PHE A 132 12.63 33.29 12.38
C PHE A 132 12.74 34.53 13.25
N ASP A 133 12.67 35.70 12.60
CA ASP A 133 12.76 37.04 13.18
C ASP A 133 11.36 37.65 13.38
N PHE A 134 10.34 36.84 13.11
CA PHE A 134 8.92 37.18 13.24
C PHE A 134 8.17 35.94 13.76
N GLU A 135 6.88 36.10 14.10
CA GLU A 135 6.00 35.04 14.58
C GLU A 135 5.67 34.16 13.37
N VAL A 136 5.87 32.84 13.53
CA VAL A 136 5.63 31.89 12.44
C VAL A 136 4.14 31.73 12.16
N ARG A 137 3.76 31.90 10.88
CA ARG A 137 2.40 31.69 10.37
C ARG A 137 2.35 30.26 9.82
N ASP A 138 1.22 29.56 10.05
CA ASP A 138 1.07 28.22 9.49
C ASP A 138 0.66 28.35 8.02
N HIS A 139 0.68 27.24 7.28
CA HIS A 139 0.34 27.21 5.86
C HIS A 139 -1.10 27.63 5.61
N VAL A 140 -2.02 27.37 6.57
CA VAL A 140 -3.44 27.74 6.49
C VAL A 140 -3.60 29.27 6.45
N THR A 141 -2.93 29.98 7.37
CA THR A 141 -2.90 31.44 7.47
C THR A 141 -2.26 32.01 6.20
N LEU A 142 -1.12 31.41 5.77
CA LEU A 142 -0.41 31.81 4.56
C LEU A 142 -1.30 31.63 3.30
N GLY A 143 -2.06 30.52 3.24
CA GLY A 143 -2.99 30.21 2.16
C GLY A 143 -4.12 31.22 2.06
N GLU A 144 -4.66 31.65 3.20
CA GLU A 144 -5.70 32.68 3.29
C GLU A 144 -5.16 34.05 2.86
N MET A 145 -3.91 34.39 3.25
CA MET A 145 -3.24 35.64 2.88
C MET A 145 -3.03 35.78 1.38
N HIS A 146 -2.68 34.68 0.69
CA HIS A 146 -2.52 34.66 -0.76
C HIS A 146 -3.84 34.40 -1.49
N GLY A 147 -4.85 33.96 -0.73
CA GLY A 147 -6.16 33.56 -1.24
C GLY A 147 -6.10 32.26 -2.02
N GLY A 148 -5.04 31.49 -1.79
CA GLY A 148 -4.69 30.27 -2.53
C GLY A 148 -5.07 28.91 -1.98
N LEU A 149 -5.41 28.82 -0.68
CA LEU A 149 -5.84 27.60 -0.01
C LEU A 149 -7.19 27.91 0.56
N ASP A 150 -8.22 27.32 -0.06
CA ASP A 150 -9.60 27.58 0.32
C ASP A 150 -10.31 26.29 0.73
N PHE A 151 -10.41 26.13 2.06
CA PHE A 151 -11.07 25.01 2.73
C PHE A 151 -12.59 25.12 2.72
N ALA A 152 -13.12 26.36 2.93
CA ALA A 152 -14.54 26.71 2.95
C ALA A 152 -15.19 26.41 1.60
N ALA A 153 -14.53 26.75 0.46
CA ALA A 153 -15.04 26.44 -0.88
C ALA A 153 -15.12 24.91 -1.11
N ALA A 154 -14.17 24.15 -0.55
CA ALA A 154 -14.15 22.68 -0.67
C ALA A 154 -15.25 22.02 0.15
N VAL A 155 -15.61 22.61 1.30
CA VAL A 155 -16.74 22.17 2.15
C VAL A 155 -18.04 22.40 1.34
N LYS A 156 -18.18 23.57 0.68
CA LYS A 156 -19.33 23.90 -0.20
C LYS A 156 -19.41 22.88 -1.36
N LEU A 157 -18.29 22.67 -2.07
CA LEU A 157 -18.26 21.70 -3.19
C LEU A 157 -18.49 20.28 -2.78
N THR A 158 -17.86 19.85 -1.67
CA THR A 158 -17.87 18.45 -1.22
C THR A 158 -18.23 18.29 0.27
N GLY A 159 -17.25 18.56 1.13
CA GLY A 159 -17.36 18.44 2.57
C GLY A 159 -16.00 18.66 3.20
N SER A 160 -15.88 18.30 4.48
CA SER A 160 -14.64 18.45 5.23
C SER A 160 -13.54 17.50 4.74
N ARG A 161 -12.28 17.92 4.93
CA ARG A 161 -11.05 17.21 4.59
C ARG A 161 -10.78 17.22 3.08
N PHE A 162 -11.22 18.29 2.42
CA PHE A 162 -10.98 18.61 1.00
C PHE A 162 -10.46 20.06 0.94
N VAL A 163 -9.76 20.40 -0.13
CA VAL A 163 -9.23 21.75 -0.34
C VAL A 163 -9.39 22.17 -1.81
N VAL A 164 -9.52 23.46 -2.03
CA VAL A 164 -9.48 24.08 -3.34
C VAL A 164 -8.21 24.96 -3.30
N MET A 165 -7.28 24.72 -4.24
CA MET A 165 -6.10 25.56 -4.37
C MET A 165 -6.34 26.47 -5.56
N LYS A 166 -5.98 27.74 -5.46
CA LYS A 166 -6.27 28.74 -6.47
C LYS A 166 -5.02 29.51 -6.80
N GLY A 167 -4.78 29.78 -8.10
CA GLY A 167 -3.65 30.60 -8.55
C GLY A 167 -2.27 30.00 -8.39
N GLN A 168 -1.33 30.83 -7.95
CA GLN A 168 0.09 30.53 -7.80
C GLN A 168 0.42 29.38 -6.82
N LEU A 169 -0.38 29.19 -5.74
CA LEU A 169 -0.17 28.07 -4.82
C LEU A 169 -0.59 26.74 -5.46
N ALA A 170 -1.62 26.76 -6.37
CA ALA A 170 -2.05 25.60 -7.15
C ALA A 170 -0.94 25.27 -8.17
N ARG A 171 -0.33 26.29 -8.78
CA ARG A 171 0.79 26.17 -9.72
C ARG A 171 2.04 25.59 -9.00
N LEU A 172 2.29 26.02 -7.74
CA LEU A 172 3.42 25.55 -6.93
C LEU A 172 3.26 24.07 -6.58
N HIS A 173 2.01 23.65 -6.22
CA HIS A 173 1.65 22.28 -5.88
C HIS A 173 1.92 21.39 -7.10
N ARG A 174 1.55 21.87 -8.32
CA ARG A 174 1.82 21.18 -9.58
C ARG A 174 3.33 21.04 -9.87
N ALA A 175 4.10 22.15 -9.70
CA ALA A 175 5.56 22.23 -9.90
C ALA A 175 6.28 21.22 -9.00
N LEU A 176 5.76 21.00 -7.77
CA LEU A 176 6.32 20.05 -6.82
C LEU A 176 6.25 18.60 -7.37
N ALA A 177 5.05 18.18 -7.88
CA ALA A 177 4.77 16.88 -8.48
C ALA A 177 5.58 16.66 -9.77
N GLN A 178 5.77 17.72 -10.57
CA GLN A 178 6.56 17.68 -11.82
C GLN A 178 8.02 17.44 -11.51
N PHE A 179 8.57 18.18 -10.52
CA PHE A 179 9.95 18.08 -10.04
C PHE A 179 10.24 16.66 -9.51
N MET A 180 9.34 16.10 -8.66
CA MET A 180 9.46 14.75 -8.08
C MET A 180 9.47 13.67 -9.18
N LEU A 181 8.53 13.74 -10.16
CA LEU A 181 8.45 12.81 -11.28
C LEU A 181 9.69 12.83 -12.15
N ASP A 182 10.19 14.04 -12.46
CA ASP A 182 11.38 14.23 -13.27
C ASP A 182 12.61 13.72 -12.54
N LEU A 183 12.69 13.98 -11.22
CA LEU A 183 13.83 13.48 -10.46
C LEU A 183 13.93 11.96 -10.50
N HIS A 184 12.83 11.26 -10.20
CA HIS A 184 12.81 9.81 -10.15
C HIS A 184 12.96 9.14 -11.51
N THR A 185 12.36 9.71 -12.58
CA THR A 185 12.49 9.14 -13.95
C THR A 185 13.83 9.48 -14.60
N GLU A 186 14.35 10.70 -14.39
CA GLU A 186 15.61 11.12 -15.01
C GLU A 186 16.86 10.67 -14.27
N GLN A 187 16.86 10.72 -12.94
CA GLN A 187 18.05 10.42 -12.14
C GLN A 187 18.03 9.11 -11.38
N HIS A 188 16.84 8.61 -11.00
CA HIS A 188 16.75 7.47 -10.10
C HIS A 188 16.36 6.15 -10.74
N GLY A 189 16.14 6.13 -12.06
CA GLY A 189 15.85 4.89 -12.79
C GLY A 189 14.44 4.33 -12.68
N TYR A 190 13.44 5.18 -12.37
CA TYR A 190 12.04 4.71 -12.31
C TYR A 190 11.34 4.95 -13.65
N SER A 191 10.46 4.03 -14.05
CA SER A 191 9.66 4.23 -15.26
C SER A 191 8.34 4.89 -14.83
N GLU A 192 7.92 5.95 -15.56
CA GLU A 192 6.69 6.70 -15.28
C GLU A 192 5.46 5.88 -15.71
N ASN A 193 4.32 6.02 -14.99
CA ASN A 193 3.07 5.31 -15.32
C ASN A 193 1.82 6.16 -15.12
N TYR A 194 0.81 5.97 -15.97
CA TYR A 194 -0.54 6.53 -15.79
C TYR A 194 -1.35 5.30 -15.39
N VAL A 195 -2.03 5.36 -14.24
CA VAL A 195 -2.77 4.21 -13.70
C VAL A 195 -4.27 4.50 -13.48
N PRO A 196 -5.12 3.44 -13.38
CA PRO A 196 -6.52 3.67 -12.97
C PRO A 196 -6.55 4.14 -11.51
N TYR A 197 -7.48 5.05 -11.17
CA TYR A 197 -7.63 5.57 -9.81
C TYR A 197 -8.76 4.85 -9.06
N LEU A 198 -9.42 3.91 -9.77
CA LEU A 198 -10.45 2.99 -9.27
C LEU A 198 -9.88 1.61 -9.51
N VAL A 199 -9.97 0.71 -8.51
CA VAL A 199 -9.47 -0.65 -8.63
C VAL A 199 -10.51 -1.70 -8.14
N ASN A 200 -10.37 -2.93 -8.60
CA ASN A 200 -11.24 -4.05 -8.23
C ASN A 200 -10.78 -4.72 -6.92
N GLN A 201 -11.62 -5.65 -6.41
CA GLN A 201 -11.41 -6.43 -5.19
C GLN A 201 -10.13 -7.27 -5.21
N ASP A 202 -9.78 -7.89 -6.37
CA ASP A 202 -8.54 -8.70 -6.50
C ASP A 202 -7.30 -7.85 -6.20
N THR A 203 -7.26 -6.63 -6.79
CA THR A 203 -6.18 -5.66 -6.61
C THR A 203 -6.01 -5.29 -5.13
N LEU A 204 -7.13 -5.03 -4.45
CA LEU A 204 -7.13 -4.63 -3.03
C LEU A 204 -6.69 -5.74 -2.10
N TYR A 205 -7.06 -7.01 -2.42
CA TYR A 205 -6.59 -8.19 -1.68
C TYR A 205 -5.07 -8.35 -1.91
N GLY A 206 -4.65 -8.19 -3.16
CA GLY A 206 -3.24 -8.28 -3.56
C GLY A 206 -2.27 -7.41 -2.77
N THR A 207 -2.64 -6.15 -2.46
CA THR A 207 -1.73 -5.26 -1.73
C THR A 207 -2.05 -5.15 -0.22
N GLY A 208 -3.07 -5.84 0.26
CA GLY A 208 -3.36 -5.89 1.69
C GLY A 208 -4.39 -4.93 2.28
N GLN A 209 -5.11 -4.15 1.44
CA GLN A 209 -6.17 -3.24 1.91
C GLN A 209 -7.35 -4.12 2.34
N LEU A 210 -7.57 -5.23 1.61
CA LEU A 210 -8.59 -6.23 1.91
C LEU A 210 -7.94 -7.48 2.49
N PRO A 211 -8.59 -8.13 3.49
CA PRO A 211 -9.95 -7.84 4.03
C PRO A 211 -10.06 -6.91 5.20
N LYS A 212 -8.93 -6.53 5.80
CA LYS A 212 -8.88 -5.85 7.07
C LYS A 212 -9.13 -4.34 7.06
N PHE A 213 -8.93 -3.66 5.93
CA PHE A 213 -9.04 -2.19 5.92
C PHE A 213 -10.06 -1.64 4.92
N ALA A 214 -11.19 -2.33 4.72
CA ALA A 214 -12.28 -1.88 3.82
C ALA A 214 -12.86 -0.53 4.25
N GLY A 215 -12.96 -0.32 5.55
CA GLY A 215 -13.50 0.90 6.15
C GLY A 215 -12.65 2.14 5.95
N ASP A 216 -11.36 1.96 5.53
CA ASP A 216 -10.43 3.07 5.25
C ASP A 216 -10.52 3.54 3.80
N LEU A 217 -11.40 2.89 3.01
CA LEU A 217 -11.61 3.19 1.59
C LEU A 217 -12.95 3.86 1.24
N PHE A 218 -12.96 4.59 0.11
CA PHE A 218 -14.15 5.11 -0.55
C PHE A 218 -14.49 3.99 -1.56
N HIS A 219 -15.73 3.46 -1.50
CA HIS A 219 -16.19 2.40 -2.41
C HIS A 219 -17.23 2.96 -3.38
N THR A 220 -17.16 2.56 -4.64
CA THR A 220 -18.15 2.99 -5.63
C THR A 220 -19.25 1.94 -5.80
N ARG A 221 -20.51 2.39 -5.96
CA ARG A 221 -21.65 1.51 -6.19
CA ARG A 221 -21.68 1.54 -6.20
C ARG A 221 -21.51 0.91 -7.60
N PRO A 222 -21.91 -0.39 -7.81
CA PRO A 222 -21.77 -0.97 -9.17
C PRO A 222 -22.52 -0.19 -10.25
N LEU A 223 -21.95 -0.18 -11.46
CA LEU A 223 -22.54 0.50 -12.63
C LEU A 223 -23.67 -0.37 -13.18
N GLU A 224 -24.74 0.28 -13.68
CA GLU A 224 -25.93 -0.38 -14.24
C GLU A 224 -25.61 -1.41 -15.33
N GLU A 225 -24.81 -0.99 -16.34
CA GLU A 225 -24.37 -1.83 -17.47
C GLU A 225 -23.18 -2.77 -17.13
N GLU A 226 -22.69 -2.77 -15.87
CA GLU A 226 -21.58 -3.62 -15.40
C GLU A 226 -21.86 -4.14 -14.00
N ALA A 227 -23.14 -4.51 -13.77
CA ALA A 227 -23.75 -4.96 -12.51
C ALA A 227 -22.90 -5.86 -11.63
N ASP A 228 -22.25 -6.88 -12.21
CA ASP A 228 -21.49 -7.85 -11.41
C ASP A 228 -19.95 -7.77 -11.57
N SER A 229 -19.44 -6.75 -12.28
CA SER A 229 -17.99 -6.59 -12.51
C SER A 229 -17.44 -5.18 -12.16
N SER A 230 -18.23 -4.32 -11.49
CA SER A 230 -17.78 -2.96 -11.18
C SER A 230 -17.91 -2.56 -9.69
N ASN A 231 -17.50 -3.46 -8.77
CA ASN A 231 -17.48 -3.12 -7.36
C ASN A 231 -16.05 -2.66 -7.09
N TYR A 232 -15.86 -1.35 -7.24
CA TYR A 232 -14.57 -0.70 -7.15
C TYR A 232 -14.39 0.16 -5.92
N ALA A 233 -13.13 0.52 -5.66
CA ALA A 233 -12.78 1.45 -4.59
C ALA A 233 -11.75 2.41 -5.18
N LEU A 234 -11.74 3.66 -4.70
CA LEU A 234 -10.77 4.67 -5.08
C LEU A 234 -9.43 4.28 -4.43
N ILE A 235 -8.32 4.48 -5.14
CA ILE A 235 -7.01 4.10 -4.61
C ILE A 235 -6.55 4.97 -3.41
N PRO A 236 -6.04 4.32 -2.32
CA PRO A 236 -5.51 5.11 -1.20
C PRO A 236 -4.05 5.53 -1.41
N THR A 237 -3.42 5.01 -2.49
CA THR A 237 -2.01 5.19 -2.87
C THR A 237 -1.73 4.52 -4.20
N ALA A 238 -0.81 5.09 -5.01
CA ALA A 238 -0.41 4.51 -6.32
C ALA A 238 0.26 3.14 -6.14
N GLU A 239 0.68 2.79 -4.90
CA GLU A 239 1.25 1.49 -4.55
C GLU A 239 0.29 0.36 -4.94
N VAL A 240 -1.04 0.60 -4.80
CA VAL A 240 -2.08 -0.39 -5.05
C VAL A 240 -2.10 -0.77 -6.54
N PRO A 241 -2.34 0.14 -7.52
CA PRO A 241 -2.31 -0.29 -8.93
C PRO A 241 -0.91 -0.67 -9.46
N LEU A 242 0.16 0.06 -9.05
CA LEU A 242 1.53 -0.22 -9.51
C LEU A 242 2.02 -1.61 -9.11
N THR A 243 1.86 -2.01 -7.82
CA THR A 243 2.33 -3.32 -7.33
C THR A 243 1.58 -4.48 -8.01
N ASN A 244 0.28 -4.30 -8.24
CA ASN A 244 -0.57 -5.28 -8.90
C ASN A 244 -0.27 -5.43 -10.40
N LEU A 245 0.60 -4.57 -10.97
CA LEU A 245 0.97 -4.73 -12.37
C LEU A 245 1.71 -6.08 -12.59
N VAL A 246 2.38 -6.60 -11.52
CA VAL A 246 3.10 -7.88 -11.60
C VAL A 246 2.27 -9.07 -11.07
N ARG A 247 0.97 -8.86 -10.78
CA ARG A 247 0.05 -9.94 -10.35
C ARG A 247 -0.08 -10.99 -11.47
N ASP A 248 0.07 -12.29 -11.10
CA ASP A 248 0.01 -13.48 -11.96
C ASP A 248 1.06 -13.47 -13.09
N GLU A 249 2.22 -12.90 -12.82
CA GLU A 249 3.31 -12.83 -13.79
C GLU A 249 4.52 -13.65 -13.34
N ILE A 250 5.23 -14.22 -14.31
CA ILE A 250 6.50 -14.90 -14.08
C ILE A 250 7.49 -13.98 -14.78
N ILE A 251 8.32 -13.29 -14.00
CA ILE A 251 9.31 -12.36 -14.55
C ILE A 251 10.68 -13.04 -14.71
N ASP A 252 11.36 -12.77 -15.83
CA ASP A 252 12.72 -13.24 -16.03
C ASP A 252 13.59 -12.41 -15.05
N GLU A 253 14.42 -13.07 -14.22
CA GLU A 253 15.28 -12.42 -13.23
C GLU A 253 16.22 -11.37 -13.80
N ASP A 254 16.60 -11.51 -15.09
CA ASP A 254 17.43 -10.55 -15.84
C ASP A 254 16.69 -9.19 -16.03
N ASP A 255 15.34 -9.20 -15.97
CA ASP A 255 14.49 -8.02 -16.17
C ASP A 255 14.24 -7.25 -14.87
N LEU A 256 14.74 -7.80 -13.76
CA LEU A 256 14.63 -7.16 -12.46
C LEU A 256 15.87 -6.27 -12.17
N PRO A 257 15.76 -5.18 -11.37
CA PRO A 257 14.55 -4.64 -10.70
C PRO A 257 13.58 -3.93 -11.67
N ILE A 258 12.28 -3.98 -11.38
CA ILE A 258 11.24 -3.24 -12.09
C ILE A 258 10.94 -2.06 -11.17
N LYS A 259 11.35 -0.87 -11.58
CA LYS A 259 11.22 0.37 -10.80
C LYS A 259 10.17 1.23 -11.45
N MET A 260 9.07 1.50 -10.70
CA MET A 260 7.93 2.26 -11.21
C MET A 260 7.58 3.48 -10.37
N THR A 261 7.18 4.54 -11.05
CA THR A 261 6.72 5.75 -10.39
C THR A 261 5.39 6.21 -11.01
N ALA A 262 4.58 6.88 -10.21
CA ALA A 262 3.30 7.46 -10.65
C ALA A 262 2.93 8.62 -9.72
N HIS A 263 2.24 9.61 -10.27
CA HIS A 263 1.71 10.77 -9.54
C HIS A 263 0.20 10.64 -9.59
N THR A 264 -0.45 10.49 -8.43
CA THR A 264 -1.90 10.29 -8.41
C THR A 264 -2.61 11.00 -7.26
N PRO A 265 -3.94 11.27 -7.33
CA PRO A 265 -4.67 11.62 -6.10
C PRO A 265 -4.75 10.30 -5.27
N CYS A 266 -4.89 10.45 -3.95
CA CYS A 266 -4.95 9.34 -2.99
C CYS A 266 -6.19 9.59 -2.14
N PHE A 267 -7.08 8.60 -2.05
CA PHE A 267 -8.35 8.73 -1.34
C PHE A 267 -8.41 7.84 -0.11
N ARG A 268 -8.58 8.45 1.06
CA ARG A 268 -8.62 7.73 2.35
C ARG A 268 -9.69 8.29 3.28
N SER A 269 -10.23 7.45 4.16
CA SER A 269 -11.14 7.85 5.23
C SER A 269 -10.69 7.12 6.50
N GLU A 270 -9.70 7.70 7.20
CA GLU A 270 -9.09 7.14 8.43
C GLU A 270 -10.08 6.96 9.57
N TYR A 274 -10.72 10.94 14.17
CA TYR A 274 -10.99 12.38 14.25
C TYR A 274 -10.34 13.04 15.48
N GLY A 275 -10.32 14.38 15.50
CA GLY A 275 -9.74 15.19 16.55
C GLY A 275 -8.31 15.64 16.29
N ARG A 276 -7.52 14.73 15.66
CA ARG A 276 -6.12 14.94 15.30
C ARG A 276 -5.98 15.67 13.95
N ASP A 277 -5.09 16.71 13.90
CA ASP A 277 -4.78 17.55 12.73
C ASP A 277 -6.02 18.09 12.01
N THR A 278 -6.99 18.61 12.78
CA THR A 278 -8.28 19.14 12.29
C THR A 278 -8.08 20.29 11.25
N ARG A 279 -7.03 21.10 11.43
CA ARG A 279 -6.73 22.26 10.57
C ARG A 279 -5.60 22.00 9.56
N GLY A 280 -5.89 22.25 8.29
CA GLY A 280 -4.94 22.15 7.20
C GLY A 280 -4.87 20.89 6.36
N LEU A 281 -3.79 20.82 5.56
CA LEU A 281 -3.45 19.80 4.57
C LEU A 281 -2.81 18.51 5.10
N ILE A 282 -2.43 18.43 6.39
CA ILE A 282 -1.75 17.24 6.93
C ILE A 282 -2.61 15.94 6.76
N ARG A 283 -3.89 15.95 7.21
CA ARG A 283 -4.83 14.82 7.11
C ARG A 283 -5.96 15.20 6.14
N MET A 284 -6.04 14.55 4.96
CA MET A 284 -7.04 14.90 3.94
C MET A 284 -7.70 13.65 3.35
N HIS A 285 -8.95 13.80 2.84
CA HIS A 285 -9.64 12.67 2.18
C HIS A 285 -9.07 12.45 0.77
N GLN A 286 -8.49 13.53 0.18
CA GLN A 286 -7.87 13.53 -1.13
C GLN A 286 -6.57 14.30 -1.07
N PHE A 287 -5.47 13.66 -1.47
CA PHE A 287 -4.14 14.28 -1.53
C PHE A 287 -3.31 13.71 -2.69
N ASP A 288 -2.44 14.52 -3.29
CA ASP A 288 -1.56 14.03 -4.36
C ASP A 288 -0.27 13.42 -3.77
N LYS A 289 0.22 12.35 -4.40
CA LYS A 289 1.45 11.71 -3.94
C LYS A 289 2.20 11.11 -5.13
N VAL A 290 3.52 11.31 -5.16
CA VAL A 290 4.42 10.70 -6.12
C VAL A 290 4.99 9.45 -5.42
N GLU A 291 4.56 8.31 -5.91
CA GLU A 291 4.90 7.01 -5.38
C GLU A 291 6.03 6.35 -6.16
N MET A 292 6.90 5.63 -5.43
CA MET A 292 8.00 4.82 -5.97
C MET A 292 7.67 3.38 -5.58
N VAL A 293 7.76 2.46 -6.54
CA VAL A 293 7.51 1.02 -6.32
C VAL A 293 8.68 0.24 -6.95
N GLN A 294 9.23 -0.72 -6.21
CA GLN A 294 10.29 -1.59 -6.72
C GLN A 294 9.86 -3.05 -6.59
N ILE A 295 10.04 -3.81 -7.67
CA ILE A 295 9.83 -5.26 -7.75
C ILE A 295 11.25 -5.81 -7.91
N VAL A 296 11.75 -6.53 -6.90
CA VAL A 296 13.14 -6.97 -6.91
C VAL A 296 13.30 -8.48 -6.64
N ARG A 297 14.55 -8.98 -6.81
CA ARG A 297 14.93 -10.35 -6.50
C ARG A 297 14.91 -10.47 -4.95
N PRO A 298 14.48 -11.63 -4.38
CA PRO A 298 14.46 -11.78 -2.91
C PRO A 298 15.74 -11.35 -2.15
N GLU A 299 16.92 -11.57 -2.73
CA GLU A 299 18.20 -11.23 -2.10
C GLU A 299 18.60 -9.76 -2.23
N ASP A 300 17.84 -8.94 -2.98
CA ASP A 300 18.16 -7.53 -3.23
C ASP A 300 17.30 -6.52 -2.49
N SER A 301 16.25 -6.98 -1.78
CA SER A 301 15.23 -6.16 -1.13
C SER A 301 15.74 -5.23 -0.03
N MET A 302 16.73 -5.66 0.76
CA MET A 302 17.27 -4.83 1.84
C MET A 302 18.14 -3.69 1.27
N ALA A 303 18.90 -3.95 0.20
CA ALA A 303 19.72 -2.94 -0.48
C ALA A 303 18.82 -1.92 -1.21
N ALA A 304 17.67 -2.42 -1.77
CA ALA A 304 16.65 -1.64 -2.47
C ALA A 304 15.93 -0.68 -1.50
N LEU A 305 15.72 -1.10 -0.23
CA LEU A 305 15.06 -0.26 0.78
C LEU A 305 15.91 0.97 1.10
N GLU A 306 17.24 0.75 1.21
CA GLU A 306 18.23 1.81 1.48
C GLU A 306 18.30 2.81 0.33
N GLU A 307 18.30 2.29 -0.90
CA GLU A 307 18.35 3.04 -2.15
C GLU A 307 17.08 3.91 -2.35
N MET A 308 15.87 3.31 -2.19
CA MET A 308 14.59 3.99 -2.34
C MET A 308 14.37 5.06 -1.27
N THR A 309 14.83 4.80 -0.01
CA THR A 309 14.77 5.79 1.08
C THR A 309 15.66 7.00 0.75
N GLY A 310 16.85 6.74 0.19
CA GLY A 310 17.77 7.76 -0.29
C GLY A 310 17.18 8.59 -1.42
N HIS A 311 16.35 7.95 -2.30
CA HIS A 311 15.64 8.63 -3.39
C HIS A 311 14.61 9.64 -2.85
N ALA A 312 13.87 9.27 -1.78
CA ALA A 312 12.91 10.14 -1.10
C ALA A 312 13.61 11.26 -0.32
N GLU A 313 14.78 10.98 0.29
CA GLU A 313 15.62 11.94 1.02
C GLU A 313 16.16 13.02 0.08
N LYS A 314 16.54 12.63 -1.14
CA LYS A 314 17.07 13.51 -2.19
C LYS A 314 16.08 14.61 -2.57
N VAL A 315 14.77 14.33 -2.52
CA VAL A 315 13.70 15.29 -2.80
C VAL A 315 13.79 16.42 -1.75
N LEU A 316 13.88 16.06 -0.45
CA LEU A 316 13.93 17.01 0.70
C LEU A 316 15.23 17.81 0.75
N GLN A 317 16.35 17.17 0.34
CA GLN A 317 17.66 17.83 0.30
C GLN A 317 17.71 18.88 -0.81
N LEU A 318 17.30 18.52 -2.06
CA LEU A 318 17.24 19.46 -3.19
C LEU A 318 16.26 20.60 -2.93
N LEU A 319 15.17 20.35 -2.18
CA LEU A 319 14.21 21.39 -1.82
C LEU A 319 14.67 22.23 -0.62
N GLY A 320 15.75 21.80 0.04
CA GLY A 320 16.34 22.47 1.21
C GLY A 320 15.46 22.41 2.43
N LEU A 321 14.69 21.32 2.59
CA LEU A 321 13.77 21.13 3.71
C LEU A 321 14.40 20.23 4.82
N PRO A 322 14.76 20.78 6.02
CA PRO A 322 15.36 19.92 7.06
C PRO A 322 14.39 18.81 7.50
N TYR A 323 14.94 17.62 7.75
CA TYR A 323 14.15 16.45 8.09
C TYR A 323 14.97 15.49 8.99
N ARG A 324 14.32 14.44 9.50
CA ARG A 324 14.94 13.37 10.27
C ARG A 324 14.47 12.04 9.67
N LYS A 325 15.34 11.03 9.70
CA LYS A 325 15.03 9.68 9.22
C LYS A 325 14.78 8.81 10.45
N VAL A 326 13.61 8.15 10.50
CA VAL A 326 13.19 7.33 11.64
C VAL A 326 12.93 5.86 11.23
N ALA A 327 13.57 4.91 11.94
CA ALA A 327 13.30 3.47 11.75
C ALA A 327 12.11 3.16 12.65
N LEU A 328 11.00 2.70 12.06
CA LEU A 328 9.78 2.40 12.80
C LEU A 328 9.94 1.14 13.65
N CYS A 329 9.35 1.14 14.85
CA CYS A 329 9.41 -0.04 15.71
C CYS A 329 8.34 -1.07 15.28
N THR A 330 8.37 -2.29 15.84
CA THR A 330 7.44 -3.38 15.51
C THR A 330 5.95 -2.97 15.63
N GLY A 331 5.63 -2.18 16.66
CA GLY A 331 4.28 -1.70 16.98
C GLY A 331 3.76 -0.52 16.18
N ASP A 332 4.64 0.19 15.44
CA ASP A 332 4.21 1.34 14.63
C ASP A 332 4.21 1.07 13.11
N MET A 333 4.59 -0.14 12.68
CA MET A 333 4.62 -0.52 11.26
C MET A 333 3.23 -0.76 10.69
N GLY A 334 3.08 -0.51 9.39
CA GLY A 334 1.88 -0.81 8.64
C GLY A 334 1.78 -2.32 8.36
N PHE A 335 0.55 -2.81 8.10
CA PHE A 335 0.17 -4.21 7.90
C PHE A 335 1.09 -5.08 6.98
N SER A 336 1.42 -4.58 5.78
CA SER A 336 2.22 -5.30 4.77
C SER A 336 3.71 -5.28 4.98
N ALA A 337 4.22 -4.27 5.68
CA ALA A 337 5.65 -4.05 5.90
C ALA A 337 6.33 -5.06 6.83
N CYS A 338 7.58 -5.39 6.48
CA CYS A 338 8.49 -6.21 7.26
C CYS A 338 9.57 -5.27 7.87
N LYS A 339 9.84 -4.12 7.19
CA LYS A 339 10.80 -3.09 7.60
C LYS A 339 10.42 -1.75 6.97
N THR A 340 10.31 -0.68 7.81
CA THR A 340 9.93 0.66 7.36
C THR A 340 10.81 1.79 7.95
N TYR A 341 11.13 2.77 7.09
CA TYR A 341 11.77 4.04 7.45
C TYR A 341 10.77 5.14 7.14
N ASP A 342 10.59 6.07 8.07
CA ASP A 342 9.75 7.25 7.84
C ASP A 342 10.65 8.47 7.76
N LEU A 343 10.33 9.39 6.84
CA LEU A 343 11.00 10.69 6.77
C LEU A 343 10.02 11.68 7.39
N GLU A 344 10.52 12.51 8.31
CA GLU A 344 9.73 13.51 9.02
C GLU A 344 10.35 14.88 8.77
N VAL A 345 9.64 15.75 8.05
CA VAL A 345 10.07 17.10 7.66
C VAL A 345 9.79 18.14 8.75
N TRP A 346 10.69 19.13 8.90
CA TRP A 346 10.51 20.20 9.87
C TRP A 346 9.30 21.05 9.49
N VAL A 347 8.37 21.20 10.45
CA VAL A 347 7.17 21.99 10.28
C VAL A 347 7.26 23.15 11.29
N PRO A 348 7.77 24.33 10.83
CA PRO A 348 7.98 25.48 11.73
C PRO A 348 6.84 25.88 12.67
N ALA A 349 5.58 25.95 12.16
CA ALA A 349 4.42 26.36 12.99
C ALA A 349 4.00 25.34 14.04
N GLN A 350 4.46 24.09 13.91
CA GLN A 350 4.15 23.00 14.82
C GLN A 350 5.29 22.71 15.80
N ASN A 351 6.45 23.38 15.57
CA ASN A 351 7.71 23.27 16.30
C ASN A 351 8.17 21.80 16.46
N THR A 352 7.96 20.99 15.40
CA THR A 352 8.30 19.56 15.37
C THR A 352 8.51 19.05 13.95
N TYR A 353 8.91 17.78 13.84
CA TYR A 353 9.07 17.09 12.57
C TYR A 353 7.79 16.32 12.31
N ARG A 354 7.29 16.36 11.07
CA ARG A 354 6.08 15.64 10.67
C ARG A 354 6.34 14.74 9.49
N GLU A 355 5.86 13.49 9.59
CA GLU A 355 5.96 12.47 8.54
C GLU A 355 5.53 13.03 7.18
N ILE A 356 6.34 12.77 6.15
CA ILE A 356 6.15 13.22 4.75
C ILE A 356 6.34 12.00 3.80
N SER A 357 7.01 10.95 4.31
CA SER A 357 7.27 9.73 3.54
C SER A 357 7.35 8.51 4.45
N SER A 358 6.88 7.37 3.93
CA SER A 358 6.97 6.07 4.57
C SER A 358 7.53 5.12 3.50
N CYS A 359 8.74 4.59 3.73
CA CYS A 359 9.47 3.69 2.82
C CYS A 359 9.57 2.28 3.41
N SER A 360 8.97 1.27 2.73
CA SER A 360 8.87 -0.11 3.21
C SER A 360 9.39 -1.23 2.31
N ASN A 361 9.92 -2.28 2.97
CA ASN A 361 10.25 -3.56 2.35
C ASN A 361 9.06 -4.46 2.76
N VAL A 362 8.35 -4.96 1.78
CA VAL A 362 7.15 -5.78 2.00
C VAL A 362 7.53 -7.28 1.99
N TRP A 363 8.78 -7.60 1.61
CA TRP A 363 9.29 -8.97 1.49
C TRP A 363 8.42 -9.68 0.41
N ASP A 364 8.01 -10.95 0.63
CA ASP A 364 7.18 -11.69 -0.30
C ASP A 364 5.69 -11.73 0.06
N PHE A 365 5.25 -10.88 1.00
CA PHE A 365 3.88 -10.79 1.52
C PHE A 365 2.82 -10.49 0.43
N GLN A 366 3.00 -9.38 -0.32
CA GLN A 366 2.09 -9.05 -1.42
C GLN A 366 2.33 -9.99 -2.61
N ALA A 367 3.61 -10.28 -2.91
CA ALA A 367 4.01 -11.22 -3.98
C ALA A 367 3.28 -12.59 -3.84
N ARG A 368 3.11 -13.12 -2.60
CA ARG A 368 2.38 -14.37 -2.33
C ARG A 368 0.88 -14.24 -2.65
N ARG A 369 0.24 -13.13 -2.21
CA ARG A 369 -1.17 -12.82 -2.46
C ARG A 369 -1.45 -12.69 -3.95
N MET A 370 -0.50 -12.04 -4.68
CA MET A 370 -0.59 -11.70 -6.09
C MET A 370 -0.12 -12.81 -7.03
N GLN A 371 0.70 -13.73 -6.53
CA GLN A 371 1.36 -14.79 -7.32
C GLN A 371 2.31 -14.11 -8.35
N ALA A 372 3.14 -13.18 -7.82
CA ALA A 372 4.15 -12.42 -8.55
C ALA A 372 5.49 -13.16 -8.37
N ARG A 373 5.94 -13.83 -9.44
CA ARG A 373 7.13 -14.70 -9.41
C ARG A 373 8.26 -14.27 -10.33
N CYS A 374 9.44 -14.83 -10.09
CA CYS A 374 10.62 -14.65 -10.94
C CYS A 374 11.29 -15.98 -11.15
N ARG A 375 12.14 -16.06 -12.16
CA ARG A 375 12.85 -17.29 -12.54
C ARG A 375 14.09 -16.97 -13.37
N SER A 376 15.18 -17.73 -13.17
CA SER A 376 16.36 -17.69 -14.04
C SER A 376 16.02 -18.68 -15.17
N LYS A 377 16.39 -18.40 -16.44
CA LYS A 377 16.09 -19.27 -17.60
C LYS A 377 16.41 -20.76 -17.36
N SER A 378 17.54 -21.04 -16.65
CA SER A 378 17.97 -22.39 -16.27
C SER A 378 16.95 -23.13 -15.33
N ASP A 379 16.60 -22.48 -14.18
CA ASP A 379 15.74 -22.93 -13.07
C ASP A 379 14.52 -23.78 -13.41
N LYS A 380 14.39 -24.92 -12.70
CA LYS A 380 13.29 -25.91 -12.79
C LYS A 380 12.05 -25.42 -11.99
N LYS A 381 12.23 -24.41 -11.12
CA LYS A 381 11.15 -23.78 -10.35
C LYS A 381 11.36 -22.28 -10.22
N THR A 382 10.26 -21.59 -9.99
CA THR A 382 10.18 -20.15 -9.78
C THR A 382 10.21 -19.89 -8.26
N ARG A 383 10.25 -18.60 -7.88
CA ARG A 383 10.19 -18.14 -6.50
C ARG A 383 9.46 -16.79 -6.46
N LEU A 384 8.92 -16.42 -5.32
CA LEU A 384 8.25 -15.13 -5.19
C LEU A 384 9.25 -13.98 -5.19
N VAL A 385 8.89 -12.89 -5.86
CA VAL A 385 9.70 -11.66 -5.88
C VAL A 385 9.51 -10.93 -4.52
N HIS A 386 10.29 -9.87 -4.31
CA HIS A 386 10.05 -8.99 -3.17
C HIS A 386 9.48 -7.67 -3.71
N THR A 387 8.67 -6.97 -2.91
CA THR A 387 8.07 -5.68 -3.29
C THR A 387 8.43 -4.61 -2.26
N LEU A 388 8.61 -3.38 -2.76
CA LEU A 388 8.97 -2.23 -1.96
C LEU A 388 8.19 -1.03 -2.45
N ASN A 389 7.83 -0.13 -1.53
CA ASN A 389 7.09 1.07 -1.88
C ASN A 389 7.50 2.22 -0.96
N GLY A 390 7.53 3.42 -1.50
CA GLY A 390 7.90 4.59 -0.72
C GLY A 390 7.40 5.88 -1.31
N SER A 391 7.02 6.84 -0.46
CA SER A 391 6.55 8.15 -0.93
C SER A 391 7.78 8.99 -1.34
N GLY A 392 7.77 9.54 -2.55
CA GLY A 392 8.83 10.42 -3.03
C GLY A 392 8.34 11.71 -3.67
N LEU A 393 7.44 12.51 -3.02
CA LEU A 393 6.85 12.41 -1.66
C LEU A 393 5.33 12.63 -1.70
N ALA A 394 4.68 12.75 -0.50
CA ALA A 394 3.27 13.18 -0.37
C ALA A 394 3.33 14.69 -0.73
N VAL A 395 2.65 15.11 -1.82
CA VAL A 395 2.74 16.47 -2.40
C VAL A 395 2.09 17.57 -1.53
N GLY A 396 0.92 17.30 -0.95
CA GLY A 396 0.26 18.28 -0.08
C GLY A 396 1.11 18.61 1.14
N ARG A 397 1.71 17.57 1.78
CA ARG A 397 2.58 17.75 2.96
C ARG A 397 3.90 18.43 2.62
N THR A 398 4.37 18.29 1.35
CA THR A 398 5.57 18.97 0.86
C THR A 398 5.27 20.46 0.72
N LEU A 399 4.05 20.80 0.25
CA LEU A 399 3.59 22.17 0.08
C LEU A 399 3.50 22.86 1.44
N VAL A 400 2.98 22.14 2.47
CA VAL A 400 2.94 22.61 3.88
C VAL A 400 4.36 23.00 4.31
N ALA A 401 5.32 22.05 4.21
CA ALA A 401 6.73 22.21 4.56
C ALA A 401 7.38 23.38 3.81
N LEU A 402 7.16 23.47 2.49
CA LEU A 402 7.70 24.53 1.62
C LEU A 402 7.18 25.93 2.06
N MET A 403 5.86 26.07 2.22
CA MET A 403 5.21 27.33 2.61
C MET A 403 5.70 27.84 3.94
N GLU A 404 5.70 26.97 4.95
CA GLU A 404 6.09 27.32 6.32
C GLU A 404 7.57 27.60 6.46
N ASN A 405 8.44 26.81 5.77
CA ASN A 405 9.89 27.01 5.85
C ASN A 405 10.42 28.16 5.03
N TYR A 406 9.74 28.53 3.94
CA TYR A 406 10.16 29.59 3.01
C TYR A 406 9.39 30.90 3.15
N GLN A 407 8.55 31.03 4.19
CA GLN A 407 7.75 32.25 4.41
C GLN A 407 8.61 33.45 4.73
N GLN A 408 8.21 34.62 4.21
CA GLN A 408 8.86 35.92 4.43
C GLN A 408 8.00 36.68 5.43
N ALA A 409 8.57 37.71 6.09
CA ALA A 409 7.89 38.56 7.09
C ALA A 409 6.49 39.02 6.69
N ASP A 410 6.32 39.48 5.43
CA ASP A 410 5.05 39.95 4.85
C ASP A 410 4.11 38.81 4.34
N GLY A 411 4.52 37.56 4.49
CA GLY A 411 3.71 36.43 4.05
C GLY A 411 4.08 35.85 2.70
N ARG A 412 4.97 36.51 1.94
CA ARG A 412 5.44 36.05 0.64
C ARG A 412 6.14 34.70 0.78
N ILE A 413 6.01 33.84 -0.23
CA ILE A 413 6.64 32.53 -0.21
C ILE A 413 7.81 32.55 -1.18
N GLU A 414 9.02 32.35 -0.64
CA GLU A 414 10.21 32.23 -1.45
C GLU A 414 10.16 30.87 -2.16
N ILE A 415 10.38 30.87 -3.49
CA ILE A 415 10.38 29.64 -4.28
C ILE A 415 11.74 28.95 -4.15
N PRO A 416 11.81 27.69 -3.62
CA PRO A 416 13.12 26.98 -3.55
C PRO A 416 13.80 26.97 -4.92
N GLU A 417 15.12 27.23 -4.95
CA GLU A 417 15.93 27.29 -6.18
C GLU A 417 15.65 26.18 -7.22
N VAL A 418 15.52 24.88 -6.80
CA VAL A 418 15.26 23.74 -7.72
C VAL A 418 13.90 23.82 -8.42
N LEU A 419 12.94 24.55 -7.82
CA LEU A 419 11.60 24.69 -8.38
C LEU A 419 11.47 25.86 -9.31
N ARG A 420 12.38 26.86 -9.22
CA ARG A 420 12.37 28.07 -10.05
C ARG A 420 12.30 27.71 -11.57
N PRO A 421 13.05 26.70 -12.12
CA PRO A 421 12.85 26.32 -13.55
C PRO A 421 11.43 25.82 -13.87
N TYR A 422 10.71 25.26 -12.88
CA TYR A 422 9.35 24.74 -12.98
C TYR A 422 8.31 25.85 -12.79
N MET A 423 8.77 27.05 -12.37
CA MET A 423 7.91 28.22 -12.13
C MET A 423 8.28 29.39 -13.07
N ARG A 424 8.92 29.08 -14.23
CA ARG A 424 9.38 30.07 -15.24
C ARG A 424 10.41 31.08 -14.67
N GLY A 425 11.22 30.64 -13.70
CA GLY A 425 12.23 31.45 -13.04
C GLY A 425 11.75 32.33 -11.89
N LEU A 426 10.45 32.25 -11.54
CA LEU A 426 9.84 33.05 -10.47
C LEU A 426 10.52 32.79 -9.11
N GLU A 427 10.85 33.88 -8.39
CA GLU A 427 11.59 33.83 -7.12
C GLU A 427 10.70 33.82 -5.87
N TYR A 428 9.54 34.51 -5.96
CA TYR A 428 8.59 34.65 -4.86
C TYR A 428 7.17 34.55 -5.34
N ILE A 429 6.28 34.02 -4.49
CA ILE A 429 4.84 34.02 -4.70
C ILE A 429 4.41 35.26 -3.90
N GLY A 430 3.78 36.21 -4.58
CA GLY A 430 3.36 37.48 -3.98
C GLY A 430 4.43 38.58 -4.18
C1 EDO B . -3.94 18.50 -1.09
O1 EDO B . -4.31 17.49 -0.15
C2 EDO B . -3.49 17.87 -2.45
O2 EDO B . -2.19 17.27 -2.38
C1 EDO C . -15.93 -7.14 -9.03
O1 EDO C . -16.94 -6.16 -9.14
C2 EDO C . -14.56 -6.45 -9.11
O2 EDO C . -14.22 -5.83 -7.86
C1 EDO D . -1.18 2.08 3.20
O1 EDO D . -0.64 1.13 2.30
C2 EDO D . -2.26 2.94 2.50
O2 EDO D . -3.37 2.13 2.15
C3U FZT E . -2.69 14.09 3.40
N3 FZT E . -2.14 12.81 3.85
C4 FZT E . -2.97 11.95 4.57
O4 FZT E . -4.12 12.29 4.82
C5 FZT E . -2.39 10.69 4.95
C6 FZT E . -1.12 10.39 4.61
N1 FZT E . -0.33 11.29 3.90
C1' FZT E . 1.08 10.96 3.55
O4' FZT E . 1.10 9.77 2.78
C4' FZT E . 2.36 9.12 3.05
C5' FZT E . 2.31 7.68 2.58
O5' FZT E . 1.20 7.02 3.28
S FZT E . 1.46 5.65 4.04
O1S FZT E . 0.16 5.10 4.22
O2S FZT E . 2.31 5.92 5.14
N3S FZT E . 2.29 4.75 3.01
C FZT E . 1.92 4.47 1.66
O FZT E . 0.84 4.88 1.23
CA FZT E . 2.91 3.68 0.85
N FZT E . 2.35 3.39 -0.47
CB FZT E . 4.18 4.50 0.67
OG FZT E . 3.88 5.77 0.09
C3' FZT E . 2.54 9.32 4.54
O3' FZT E . 3.92 9.14 4.90
C2' FZT E . 2.04 10.75 4.75
O2' FZT E . 3.12 11.67 4.68
C2 FZT E . -0.81 12.52 3.50
O2 FZT E . -0.11 13.33 2.90
CA CA F . 18.35 -6.47 -17.28
CA CA G . 3.57 4.68 9.19
CA CA H . 2.91 -1.18 2.50
#